data_9KL8
#
_entry.id   9KL8
#
_cell.length_a   91.460
_cell.length_b   91.460
_cell.length_c   212.770
_cell.angle_alpha   90.000
_cell.angle_beta   90.000
_cell.angle_gamma   120.000
#
_symmetry.space_group_name_H-M   'P 65 2 2'
#
loop_
_entity.id
_entity.type
_entity.pdbx_description
1 polymer "DNA (5'-D(P*GP*GP*TP*AP*GP*AP*CP*CP*TP*GP*G)-3')"
2 polymer "DNA (5'-D(*AP*(8OG)P*GP*TP*CP*TP*AP*C)-3')"
3 polymer 'N-glycosylase/DNA lyase'
4 non-polymer 'CALCIUM ION'
5 non-polymer GLYCEROL
6 water water
#
loop_
_entity_poly.entity_id
_entity_poly.type
_entity_poly.pdbx_seq_one_letter_code
_entity_poly.pdbx_strand_id
1 'polydeoxyribonucleotide' (DT)(DG)(DG)(DT)(DA)(DG)(DA)(DC)(DC)(DT)(DG)(DG)(DA)(DC)(DG)(DC) B
2 'polydeoxyribonucleotide' (DA)(DG)(DC)(DG)(DT)(DC)(DC)(DA)(8OG)(DG)(DT)(DC)(DT)(DA)(DC)(DC) C
3 'polypeptide(L)'
;MGSSHHHHHHSSGLVPRGSHMGHRTLASTPALWASIPCPRSELRLDLVLPSGQSFRWREQSPAHWSGVLADQVWTLTQTE
EQLHCTVYRGDKSQASRPTPDELEAVRKYFQLDVTLAQLYHHWGSVDSHFQEVAQKFQGVRLLRQDPIECLFSFICSSCN
NIARITGMVERLCQAFGPRLIQLDDVTYHGFPSLQALAGPEVEAHLRKLGLGYRARYVSASARAILEEQGGLAWLQQLRE
SSYEEAHKALCILPGVGTKVADCICLMALDKPQAVPVDVHMWHIAQRDYSWHPTTSQAKGPSPQTNKELGNFFRSLWGPY
AGWAQAVLFSADLRQSR
;
A
#
loop_
_chem_comp.id
_chem_comp.type
_chem_comp.name
_chem_comp.formula
8OG DNA linking 8-OXO-2'-DEOXY-GUANOSINE-5'-MONOPHOSPHATE 'C10 H14 N5 O8 P'
CA non-polymer 'CALCIUM ION' 'Ca 2'
DA DNA linking 2'-DEOXYADENOSINE-5'-MONOPHOSPHATE 'C10 H14 N5 O6 P'
DC DNA linking 2'-DEOXYCYTIDINE-5'-MONOPHOSPHATE 'C9 H14 N3 O7 P'
DG DNA linking 2'-DEOXYGUANOSINE-5'-MONOPHOSPHATE 'C10 H14 N5 O7 P'
DT DNA linking THYMIDINE-5'-MONOPHOSPHATE 'C10 H15 N2 O8 P'
GOL non-polymer GLYCEROL 'C3 H8 O3'
#
# COMPACT_ATOMS: atom_id res chain seq x y z
P 8OG B 9 -5.51 -12.33 -6.93
OP1 8OG B 9 -4.38 -13.30 -7.26
OP2 8OG B 9 -6.44 -12.81 -5.84
O5' 8OG B 9 -4.83 -10.95 -6.45
C5' 8OG B 9 -5.53 -9.71 -6.67
C4' 8OG B 9 -6.64 -9.55 -5.68
O4' 8OG B 9 -6.06 -9.23 -4.39
C3' 8OG B 9 -7.62 -8.41 -6.00
O3' 8OG B 9 -8.94 -8.74 -5.58
C2' 8OG B 9 -7.06 -7.25 -5.19
C1' 8OG B 9 -6.51 -7.95 -3.95
N9 8OG B 9 -5.39 -7.27 -3.31
C8 8OG B 9 -4.25 -6.80 -3.95
N7 8OG B 9 -3.46 -6.24 -2.98
C5 8OG B 9 -4.10 -6.35 -1.75
C6 8OG B 9 -3.73 -5.94 -0.45
O6 8OG B 9 -2.68 -5.36 -0.12
N1 8OG B 9 -4.68 -6.26 0.50
C2 8OG B 9 -5.86 -6.91 0.22
N2 8OG B 9 -6.68 -7.15 1.25
N3 8OG B 9 -6.21 -7.30 -1.01
C4 8OG B 9 -5.29 -6.99 -1.97
O8 8OG B 9 -3.99 -6.88 -5.15
N MET C 21 26.28 6.71 -12.88
N MET C 21 26.36 6.57 -13.09
N MET C 21 27.86 5.03 -11.23
CA MET C 21 26.69 5.56 -12.10
CA MET C 21 26.68 5.57 -12.09
CA MET C 21 26.67 5.57 -11.86
C MET C 21 25.54 4.56 -11.94
C MET C 21 25.53 4.57 -11.91
C MET C 21 25.51 4.58 -11.79
N GLY C 22 24.31 5.04 -12.14
CA GLY C 22 23.14 4.17 -12.07
C GLY C 22 22.70 3.89 -10.63
N HIS C 23 21.96 2.81 -10.48
CA HIS C 23 21.43 2.42 -9.17
C HIS C 23 22.58 2.07 -8.23
N ARG C 24 22.53 2.62 -7.01
CA ARG C 24 23.57 2.36 -6.03
C ARG C 24 23.25 1.10 -5.23
N THR C 25 24.30 0.45 -4.75
CA THR C 25 24.20 -0.61 -3.76
C THR C 25 24.98 -0.20 -2.53
N LEU C 26 24.79 -0.96 -1.45
CA LEU C 26 25.47 -0.63 -0.20
C LEU C 26 26.98 -0.64 -0.37
N ALA C 27 27.50 -1.59 -1.13
CA ALA C 27 28.94 -1.70 -1.34
C ALA C 27 29.45 -0.81 -2.47
N SER C 28 28.56 -0.26 -3.30
CA SER C 28 29.02 0.52 -4.46
C SER C 28 29.41 1.94 -4.04
N THR C 29 28.57 2.60 -3.24
CA THR C 29 28.83 3.97 -2.79
C THR C 29 28.63 4.04 -1.28
N PRO C 30 29.62 3.60 -0.49
CA PRO C 30 29.46 3.61 0.96
C PRO C 30 29.11 4.97 1.55
N ALA C 31 29.69 6.04 1.04
CA ALA C 31 29.56 7.36 1.65
C ALA C 31 28.20 7.99 1.43
N LEU C 32 27.31 7.38 0.65
CA LEU C 32 26.04 8.00 0.29
C LEU C 32 24.84 7.37 0.98
N TRP C 33 25.06 6.43 1.91
CA TRP C 33 23.98 5.75 2.60
C TRP C 33 23.86 6.26 4.04
N ALA C 34 22.64 6.20 4.57
CA ALA C 34 22.36 6.56 5.95
C ALA C 34 21.52 5.47 6.59
N SER C 35 21.77 5.20 7.87
CA SER C 35 21.14 4.08 8.57
C SER C 35 20.02 4.58 9.48
N ILE C 36 18.99 3.75 9.59
CA ILE C 36 17.89 3.96 10.52
C ILE C 36 17.84 2.74 11.44
N PRO C 37 17.95 2.91 12.76
CA PRO C 37 17.83 1.76 13.67
C PRO C 37 16.53 1.01 13.46
N CYS C 38 16.64 -0.23 12.98
CA CYS C 38 15.47 -1.04 12.64
C CYS C 38 15.86 -2.51 12.52
N PRO C 39 15.40 -3.36 13.42
CA PRO C 39 15.67 -4.79 13.27
C PRO C 39 14.75 -5.44 12.25
N ARG C 40 15.16 -6.63 11.81
CA ARG C 40 14.38 -7.37 10.81
C ARG C 40 13.04 -7.83 11.36
N SER C 41 12.91 -7.96 12.69
CA SER C 41 11.63 -8.34 13.29
C SER C 41 10.62 -7.21 13.27
N GLU C 42 11.06 -5.97 13.10
CA GLU C 42 10.15 -4.83 12.98
C GLU C 42 9.76 -4.53 11.54
N LEU C 43 10.53 -5.03 10.57
CA LEU C 43 10.28 -4.74 9.17
C LEU C 43 11.09 -5.64 8.25
N ARG C 44 10.43 -6.24 7.27
CA ARG C 44 11.10 -7.02 6.23
C ARG C 44 10.68 -6.47 4.88
N LEU C 45 11.63 -5.84 4.18
CA LEU C 45 11.30 -5.19 2.91
C LEU C 45 10.72 -6.18 1.91
N ASP C 46 11.33 -7.36 1.79
CA ASP C 46 10.90 -8.37 0.82
C ASP C 46 9.54 -8.94 1.11
N LEU C 47 8.90 -8.57 2.22
CA LEU C 47 7.58 -9.08 2.57
C LEU C 47 6.49 -8.02 2.54
N VAL C 48 6.85 -6.74 2.43
CA VAL C 48 5.83 -5.69 2.44
C VAL C 48 5.85 -4.91 1.13
N LEU C 49 7.01 -4.80 0.49
CA LEU C 49 7.14 -3.97 -0.69
C LEU C 49 6.53 -4.60 -1.94
N PRO C 50 6.68 -5.90 -2.19
CA PRO C 50 5.96 -6.53 -3.30
C PRO C 50 4.67 -7.25 -2.91
N SER C 51 4.20 -7.13 -1.67
CA SER C 51 3.10 -7.92 -1.16
C SER C 51 1.72 -7.39 -1.55
N GLY C 52 1.63 -6.42 -2.46
CA GLY C 52 0.36 -5.91 -2.90
C GLY C 52 -0.15 -4.66 -2.19
N GLN C 53 0.67 -4.02 -1.35
CA GLN C 53 0.28 -2.75 -0.77
C GLN C 53 0.62 -1.60 -1.71
N SER C 54 1.88 -1.52 -2.13
CA SER C 54 2.33 -0.60 -3.15
C SER C 54 2.78 -1.38 -4.38
N PHE C 55 2.56 -0.80 -5.55
CA PHE C 55 2.92 -1.44 -6.80
C PHE C 55 4.09 -0.76 -7.50
N ARG C 56 4.76 0.17 -6.84
CA ARG C 56 5.79 0.99 -7.47
C ARG C 56 7.16 0.79 -6.83
N TRP C 57 7.46 -0.42 -6.36
CA TRP C 57 8.78 -0.76 -5.84
C TRP C 57 9.38 -1.90 -6.63
N ARG C 58 10.69 -1.83 -6.87
CA ARG C 58 11.37 -2.81 -7.70
C ARG C 58 12.68 -3.23 -7.04
N GLU C 59 12.96 -4.53 -7.05
CA GLU C 59 14.22 -5.06 -6.54
C GLU C 59 15.25 -5.08 -7.68
N GLN C 60 15.72 -3.87 -8.03
CA GLN C 60 16.62 -3.73 -9.17
C GLN C 60 17.92 -4.49 -8.96
N SER C 61 18.51 -4.36 -7.77
CA SER C 61 19.64 -5.16 -7.35
C SER C 61 19.21 -6.10 -6.23
N PRO C 62 19.87 -7.24 -6.06
CA PRO C 62 19.48 -8.17 -4.99
C PRO C 62 19.44 -7.49 -3.64
N ALA C 63 18.31 -7.65 -2.94
CA ALA C 63 18.07 -7.07 -1.62
C ALA C 63 18.12 -5.55 -1.62
N HIS C 64 17.95 -4.92 -2.78
CA HIS C 64 17.94 -3.46 -2.92
C HIS C 64 16.66 -3.06 -3.63
N TRP C 65 15.83 -2.27 -2.96
CA TRP C 65 14.53 -1.87 -3.48
C TRP C 65 14.51 -0.38 -3.78
N SER C 66 14.01 -0.02 -4.96
CA SER C 66 13.96 1.36 -5.42
C SER C 66 12.53 1.76 -5.76
N GLY C 67 12.17 2.99 -5.41
CA GLY C 67 10.83 3.49 -5.66
C GLY C 67 10.75 4.96 -5.32
N VAL C 68 9.55 5.51 -5.54
CA VAL C 68 9.29 6.92 -5.29
C VAL C 68 8.76 7.08 -3.86
N LEU C 69 9.42 7.91 -3.07
CA LEU C 69 9.06 8.15 -1.68
C LEU C 69 9.17 9.64 -1.39
N ALA C 70 8.05 10.26 -1.03
CA ALA C 70 7.98 11.70 -0.76
C ALA C 70 8.49 12.49 -1.96
N ASP C 71 7.97 12.16 -3.15
CA ASP C 71 8.28 12.85 -4.39
C ASP C 71 9.78 12.81 -4.73
N GLN C 72 10.47 11.79 -4.25
CA GLN C 72 11.88 11.60 -4.56
C GLN C 72 12.15 10.11 -4.74
N VAL C 73 13.27 9.79 -5.38
CA VAL C 73 13.65 8.41 -5.65
C VAL C 73 14.60 7.94 -4.56
N TRP C 74 14.28 6.80 -3.94
CA TRP C 74 15.09 6.20 -2.89
C TRP C 74 15.49 4.79 -3.29
N THR C 75 16.58 4.32 -2.68
CA THR C 75 16.97 2.92 -2.75
C THR C 75 17.20 2.43 -1.33
N LEU C 76 16.52 1.36 -0.94
CA LEU C 76 16.56 0.86 0.42
C LEU C 76 17.18 -0.53 0.46
N THR C 77 17.84 -0.83 1.58
CA THR C 77 18.38 -2.15 1.85
C THR C 77 18.61 -2.26 3.35
N GLN C 78 18.44 -3.47 3.88
CA GLN C 78 18.49 -3.67 5.33
C GLN C 78 19.49 -4.76 5.67
N THR C 79 20.20 -4.55 6.78
CA THR C 79 21.05 -5.59 7.37
C THR C 79 20.27 -6.29 8.47
N GLU C 80 20.96 -6.73 9.52
CA GLU C 80 20.28 -7.45 10.59
C GLU C 80 19.66 -6.50 11.60
N GLU C 81 20.27 -5.33 11.84
CA GLU C 81 19.76 -4.39 12.83
C GLU C 81 19.63 -2.97 12.31
N GLN C 82 19.92 -2.71 11.03
N GLN C 82 19.90 -2.72 11.03
CA GLN C 82 19.87 -1.37 10.48
CA GLN C 82 19.88 -1.38 10.47
C GLN C 82 19.12 -1.38 9.16
C GLN C 82 19.13 -1.38 9.14
N LEU C 83 18.51 -0.24 8.84
CA LEU C 83 17.83 -0.03 7.56
C LEU C 83 18.61 1.07 6.83
N HIS C 84 19.29 0.68 5.75
CA HIS C 84 20.15 1.62 5.02
C HIS C 84 19.36 2.27 3.89
N CYS C 85 19.44 3.59 3.82
CA CYS C 85 18.68 4.38 2.85
C CYS C 85 19.61 5.31 2.08
N THR C 86 19.26 5.55 0.83
CA THR C 86 19.96 6.53 0.00
C THR C 86 18.94 7.21 -0.91
N VAL C 87 19.17 8.49 -1.20
CA VAL C 87 18.24 9.32 -1.95
C VAL C 87 18.97 9.93 -3.13
N TYR C 88 18.30 9.95 -4.28
CA TYR C 88 18.89 10.45 -5.52
C TYR C 88 18.39 11.87 -5.75
N ARG C 89 19.32 12.82 -5.72
CA ARG C 89 19.00 14.23 -5.96
C ARG C 89 19.38 14.68 -7.37
N GLY C 90 20.02 13.81 -8.15
CA GLY C 90 20.36 14.12 -9.53
C GLY C 90 21.43 15.19 -9.65
N ASP C 91 21.60 15.65 -10.89
CA ASP C 91 22.55 16.73 -11.18
C ASP C 91 22.07 18.08 -10.66
N LYS C 92 20.80 18.19 -10.25
CA LYS C 92 20.32 19.43 -9.66
C LYS C 92 21.09 19.78 -8.40
N SER C 93 21.40 18.79 -7.59
CA SER C 93 22.14 18.95 -6.35
C SER C 93 23.44 18.16 -6.42
N GLN C 94 24.18 18.16 -5.32
CA GLN C 94 25.39 17.37 -5.18
C GLN C 94 25.08 16.07 -4.46
N ALA C 95 25.82 15.02 -4.83
CA ALA C 95 25.62 13.71 -4.23
C ALA C 95 25.95 13.74 -2.75
N SER C 96 24.96 13.48 -1.91
CA SER C 96 25.14 13.50 -0.47
C SER C 96 24.18 12.51 0.17
N ARG C 97 24.57 12.00 1.33
CA ARG C 97 23.73 11.07 2.08
C ARG C 97 22.46 11.78 2.55
N PRO C 98 21.41 11.02 2.85
CA PRO C 98 20.15 11.67 3.25
C PRO C 98 20.31 12.49 4.52
N THR C 99 19.65 13.65 4.53
CA THR C 99 19.64 14.50 5.71
C THR C 99 18.73 13.90 6.78
N PRO C 100 18.88 14.32 8.03
CA PRO C 100 17.99 13.80 9.09
C PRO C 100 16.52 14.06 8.81
N ASP C 101 16.18 15.23 8.29
CA ASP C 101 14.77 15.52 7.99
C ASP C 101 14.27 14.66 6.83
N GLU C 102 15.14 14.33 5.88
CA GLU C 102 14.74 13.45 4.79
C GLU C 102 14.47 12.03 5.30
N LEU C 103 15.26 11.56 6.26
CA LEU C 103 15.04 10.22 6.82
C LEU C 103 13.74 10.14 7.60
N GLU C 104 13.19 11.28 8.04
CA GLU C 104 11.93 11.26 8.77
C GLU C 104 10.77 10.84 7.87
N ALA C 105 10.82 11.21 6.58
CA ALA C 105 9.80 10.77 5.65
C ALA C 105 9.82 9.26 5.46
N VAL C 106 11.01 8.65 5.49
CA VAL C 106 11.11 7.20 5.36
C VAL C 106 10.52 6.51 6.58
N ARG C 107 10.73 7.08 7.77
CA ARG C 107 10.18 6.50 8.99
C ARG C 107 8.65 6.58 9.01
N LYS C 108 8.10 7.71 8.54
CA LYS C 108 6.65 7.86 8.54
C LYS C 108 6.01 6.95 7.50
N TYR C 109 6.67 6.74 6.37
CA TYR C 109 6.13 5.87 5.33
C TYR C 109 5.95 4.45 5.84
N PHE C 110 6.91 3.96 6.63
CA PHE C 110 6.82 2.62 7.21
C PHE C 110 6.16 2.62 8.58
N GLN C 111 5.79 3.78 9.11
CA GLN C 111 5.12 3.90 10.40
C GLN C 111 5.90 3.15 11.48
N LEU C 112 7.20 3.47 11.58
CA LEU C 112 8.07 2.77 12.50
C LEU C 112 7.72 3.00 13.96
N ASP C 113 6.92 4.03 14.26
CA ASP C 113 6.46 4.23 15.63
C ASP C 113 5.53 3.09 16.08
N VAL C 114 4.85 2.44 15.14
CA VAL C 114 3.99 1.30 15.48
C VAL C 114 4.90 0.09 15.66
N THR C 115 4.96 -0.42 16.89
CA THR C 115 5.86 -1.53 17.21
C THR C 115 5.19 -2.85 16.86
N LEU C 116 5.86 -3.67 16.04
CA LEU C 116 5.28 -4.92 15.57
C LEU C 116 5.38 -6.01 16.64
N ALA C 117 6.46 -6.03 17.41
CA ALA C 117 6.61 -7.03 18.47
C ALA C 117 5.47 -6.92 19.48
N GLN C 118 5.00 -5.70 19.75
CA GLN C 118 3.87 -5.53 20.66
C GLN C 118 2.58 -6.04 20.02
N LEU C 119 2.35 -5.68 18.76
CA LEU C 119 1.14 -6.13 18.07
C LEU C 119 1.10 -7.65 17.96
N TYR C 120 2.23 -8.25 17.56
CA TYR C 120 2.30 -9.71 17.47
C TYR C 120 2.00 -10.36 18.80
N HIS C 121 2.39 -9.73 19.91
CA HIS C 121 2.12 -10.32 21.22
C HIS C 121 0.64 -10.26 21.57
N HIS C 122 -0.01 -9.13 21.31
CA HIS C 122 -1.43 -9.00 21.60
C HIS C 122 -2.25 -9.98 20.75
N TRP C 123 -1.95 -10.06 19.46
CA TRP C 123 -2.68 -10.98 18.59
C TRP C 123 -2.44 -12.42 18.99
N GLY C 124 -1.19 -12.77 19.32
CA GLY C 124 -0.88 -14.14 19.70
C GLY C 124 -1.49 -14.57 21.02
N SER C 125 -1.74 -13.61 21.92
CA SER C 125 -2.33 -13.96 23.21
C SER C 125 -3.84 -14.17 23.12
N VAL C 126 -4.47 -13.74 22.04
CA VAL C 126 -5.91 -13.89 21.85
C VAL C 126 -6.25 -14.78 20.66
N ASP C 127 -5.24 -15.42 20.05
CA ASP C 127 -5.47 -16.23 18.86
C ASP C 127 -4.38 -17.29 18.80
N SER C 128 -4.74 -18.54 19.11
CA SER C 128 -3.76 -19.62 19.08
C SER C 128 -3.25 -19.86 17.66
N HIS C 129 -4.12 -19.74 16.67
CA HIS C 129 -3.71 -19.91 15.28
C HIS C 129 -2.70 -18.85 14.85
N PHE C 130 -2.70 -17.69 15.50
CA PHE C 130 -1.80 -16.62 15.08
C PHE C 130 -0.37 -16.90 15.48
N GLN C 131 -0.14 -17.44 16.69
CA GLN C 131 1.22 -17.70 17.14
C GLN C 131 1.89 -18.77 16.29
N GLU C 132 1.13 -19.73 15.77
CA GLU C 132 1.73 -20.82 15.02
C GLU C 132 2.22 -20.36 13.65
N VAL C 133 1.60 -19.33 13.08
CA VAL C 133 1.92 -18.91 11.72
C VAL C 133 2.74 -17.62 11.67
N ALA C 134 2.71 -16.79 12.71
CA ALA C 134 3.42 -15.52 12.68
C ALA C 134 4.88 -15.62 13.10
N GLN C 135 5.26 -16.71 13.76
CA GLN C 135 6.64 -16.86 14.20
C GLN C 135 7.62 -16.92 13.04
N LYS C 136 7.17 -17.35 11.86
CA LYS C 136 8.02 -17.45 10.68
C LYS C 136 7.85 -16.28 9.72
N PHE C 137 6.87 -15.40 9.95
CA PHE C 137 6.60 -14.27 9.05
C PHE C 137 6.54 -12.99 9.88
N GLN C 138 7.68 -12.59 10.43
CA GLN C 138 7.77 -11.33 11.16
C GLN C 138 8.13 -10.19 10.20
N GLY C 139 7.98 -8.97 10.71
CA GLY C 139 8.32 -7.80 9.94
C GLY C 139 7.29 -7.44 8.88
N VAL C 140 6.03 -7.79 9.11
CA VAL C 140 4.97 -7.52 8.15
C VAL C 140 4.15 -6.37 8.74
N ARG C 141 4.48 -5.15 8.33
CA ARG C 141 3.76 -3.97 8.75
C ARG C 141 2.99 -3.40 7.57
N LEU C 142 2.44 -2.21 7.76
CA LEU C 142 1.63 -1.55 6.75
C LEU C 142 2.22 -0.19 6.41
N LEU C 143 2.29 0.10 5.12
CA LEU C 143 2.79 1.39 4.65
C LEU C 143 1.71 2.45 4.77
N ARG C 144 2.13 3.69 5.01
CA ARG C 144 1.22 4.83 5.00
C ARG C 144 1.32 5.49 3.63
N GLN C 145 0.37 5.19 2.75
CA GLN C 145 0.41 5.60 1.36
C GLN C 145 -0.39 6.88 1.14
N ASP C 146 -0.02 7.62 0.09
CA ASP C 146 -0.76 8.81 -0.27
C ASP C 146 -2.17 8.44 -0.76
N PRO C 147 -3.20 9.17 -0.35
CA PRO C 147 -4.57 8.82 -0.77
C PRO C 147 -4.77 8.74 -2.27
N ILE C 148 -4.18 9.68 -3.03
CA ILE C 148 -4.40 9.72 -4.48
C ILE C 148 -3.88 8.44 -5.13
N GLU C 149 -2.61 8.13 -4.91
CA GLU C 149 -2.01 6.95 -5.52
C GLU C 149 -2.71 5.68 -5.06
N CYS C 150 -3.11 5.64 -3.79
CA CYS C 150 -3.76 4.44 -3.26
C CYS C 150 -5.15 4.26 -3.87
N LEU C 151 -5.92 5.33 -3.99
CA LEU C 151 -7.28 5.22 -4.50
C LEU C 151 -7.30 4.72 -5.94
N PHE C 152 -6.42 5.25 -6.79
CA PHE C 152 -6.45 4.89 -8.20
C PHE C 152 -5.75 3.56 -8.47
N SER C 153 -4.75 3.19 -7.67
CA SER C 153 -4.11 1.89 -7.85
C SER C 153 -5.08 0.75 -7.54
N PHE C 154 -5.93 0.92 -6.52
CA PHE C 154 -6.86 -0.12 -6.15
C PHE C 154 -8.17 -0.06 -6.90
N ILE C 155 -8.44 1.05 -7.58
CA ILE C 155 -9.55 1.07 -8.54
C ILE C 155 -9.24 0.12 -9.70
N CYS C 156 -7.97 0.06 -10.10
CA CYS C 156 -7.53 -0.87 -11.13
C CYS C 156 -7.38 -2.30 -10.61
N SER C 157 -7.56 -2.52 -9.30
CA SER C 157 -7.36 -3.85 -8.74
C SER C 157 -8.57 -4.77 -8.93
N SER C 158 -9.68 -4.26 -9.47
CA SER C 158 -10.86 -5.08 -9.69
C SER C 158 -10.59 -6.10 -10.79
N CYS C 159 -10.88 -7.38 -10.51
CA CYS C 159 -10.71 -8.47 -11.46
C CYS C 159 -9.29 -8.54 -12.01
N ASN C 160 -8.32 -8.25 -11.14
CA ASN C 160 -6.93 -8.17 -11.55
C ASN C 160 -6.06 -8.98 -10.59
N ASN C 161 -4.82 -9.21 -11.00
CA ASN C 161 -3.81 -9.87 -10.18
C ASN C 161 -2.62 -8.94 -10.01
N ILE C 162 -1.84 -9.20 -8.94
CA ILE C 162 -0.75 -8.28 -8.56
C ILE C 162 0.17 -8.00 -9.73
N ALA C 163 0.51 -9.03 -10.51
CA ALA C 163 1.41 -8.83 -11.64
C ALA C 163 0.80 -7.92 -12.69
N ARG C 164 -0.52 -7.91 -12.83
CA ARG C 164 -1.18 -7.08 -13.84
C ARG C 164 -1.48 -5.68 -13.33
N ILE C 165 -1.87 -5.54 -12.06
CA ILE C 165 -2.01 -4.20 -11.47
C ILE C 165 -0.69 -3.46 -11.53
N THR C 166 0.42 -4.17 -11.29
CA THR C 166 1.74 -3.55 -11.37
C THR C 166 2.00 -2.99 -12.76
N GLY C 167 1.56 -3.69 -13.79
CA GLY C 167 1.77 -3.22 -15.15
C GLY C 167 0.94 -2.00 -15.49
N MET C 168 -0.35 -2.04 -15.13
CA MET C 168 -1.23 -0.91 -15.41
C MET C 168 -0.77 0.36 -14.69
N VAL C 169 -0.45 0.23 -13.40
CA VAL C 169 -0.01 1.39 -12.63
C VAL C 169 1.26 1.97 -13.23
N GLU C 170 2.20 1.11 -13.62
CA GLU C 170 3.45 1.59 -14.19
C GLU C 170 3.21 2.33 -15.50
N ARG C 171 2.35 1.79 -16.38
CA ARG C 171 2.04 2.47 -17.62
C ARG C 171 1.29 3.78 -17.37
N LEU C 172 0.32 3.75 -16.45
CA LEU C 172 -0.44 4.96 -16.12
C LEU C 172 0.48 6.07 -15.66
N CYS C 173 1.43 5.75 -14.77
CA CYS C 173 2.35 6.77 -14.27
C CYS C 173 3.28 7.26 -15.36
N GLN C 174 3.69 6.38 -16.26
CA GLN C 174 4.59 6.78 -17.34
C GLN C 174 3.94 7.79 -18.27
N ALA C 175 2.63 7.69 -18.46
CA ALA C 175 1.94 8.54 -19.44
C ALA C 175 1.39 9.83 -18.84
N PHE C 176 1.11 9.87 -17.53
CA PHE C 176 0.49 11.03 -16.92
C PHE C 176 1.24 11.60 -15.72
N GLY C 177 2.30 10.95 -15.26
CA GLY C 177 3.04 11.42 -14.12
C GLY C 177 4.25 12.24 -14.49
N PRO C 178 4.62 13.20 -13.64
CA PRO C 178 5.79 14.04 -13.93
C PRO C 178 7.07 13.24 -13.85
N ARG C 179 8.02 13.56 -14.73
CA ARG C 179 9.30 12.88 -14.77
C ARG C 179 10.20 13.36 -13.63
N LEU C 180 10.82 12.41 -12.94
CA LEU C 180 11.72 12.77 -11.84
C LEU C 180 13.18 12.69 -12.26
N ILE C 181 13.72 11.48 -12.38
CA ILE C 181 15.10 11.25 -12.78
C ILE C 181 15.17 9.93 -13.53
N GLN C 182 16.31 9.67 -14.17
CA GLN C 182 16.55 8.41 -14.87
C GLN C 182 17.79 7.73 -14.29
N LEU C 183 17.62 6.47 -13.90
CA LEU C 183 18.72 5.63 -13.42
C LEU C 183 18.77 4.38 -14.28
N ASP C 184 19.94 4.09 -14.85
CA ASP C 184 20.12 2.98 -15.79
C ASP C 184 19.11 3.19 -16.91
N ASP C 185 18.34 2.18 -17.31
CA ASP C 185 17.31 2.33 -18.33
C ASP C 185 15.92 2.49 -17.74
N VAL C 186 15.82 3.08 -16.54
CA VAL C 186 14.56 3.28 -15.85
C VAL C 186 14.37 4.78 -15.62
N THR C 187 13.21 5.30 -16.03
CA THR C 187 12.84 6.69 -15.80
C THR C 187 11.73 6.71 -14.76
N TYR C 188 12.03 7.23 -13.57
CA TYR C 188 11.07 7.24 -12.48
C TYR C 188 10.10 8.39 -12.62
N HIS C 189 8.82 8.10 -12.41
CA HIS C 189 7.73 9.07 -12.53
C HIS C 189 6.95 9.14 -11.23
N GLY C 190 6.65 10.36 -10.79
CA GLY C 190 5.71 10.53 -9.70
C GLY C 190 4.31 10.14 -10.12
N PHE C 191 3.43 10.03 -9.13
CA PHE C 191 2.06 9.66 -9.44
C PHE C 191 1.34 10.85 -10.08
N PRO C 192 0.45 10.60 -11.03
CA PRO C 192 -0.27 11.71 -11.68
C PRO C 192 -1.17 12.46 -10.70
N SER C 193 -1.38 13.73 -10.99
CA SER C 193 -2.24 14.56 -10.17
C SER C 193 -3.71 14.36 -10.56
N LEU C 194 -4.59 14.95 -9.76
CA LEU C 194 -6.02 14.87 -10.07
C LEU C 194 -6.35 15.60 -11.36
N GLN C 195 -5.67 16.73 -11.62
CA GLN C 195 -5.94 17.48 -12.83
C GLN C 195 -5.54 16.69 -14.07
N ALA C 196 -4.46 15.92 -13.99
CA ALA C 196 -4.03 15.15 -15.15
C ALA C 196 -4.97 13.97 -15.41
N LEU C 197 -5.41 13.29 -14.35
CA LEU C 197 -6.31 12.16 -14.52
C LEU C 197 -7.73 12.58 -14.85
N ALA C 198 -8.05 13.87 -14.75
CA ALA C 198 -9.37 14.37 -15.11
C ALA C 198 -9.37 15.08 -16.45
N GLY C 199 -8.26 15.09 -17.17
CA GLY C 199 -8.16 15.82 -18.40
C GLY C 199 -8.97 15.19 -19.51
N PRO C 200 -8.98 15.83 -20.68
CA PRO C 200 -9.76 15.31 -21.80
C PRO C 200 -9.10 14.08 -22.41
N GLU C 201 -9.93 13.15 -22.87
CA GLU C 201 -9.51 11.94 -23.58
C GLU C 201 -8.63 11.02 -22.72
N VAL C 202 -8.68 11.17 -21.39
CA VAL C 202 -7.84 10.33 -20.53
C VAL C 202 -8.28 8.88 -20.60
N GLU C 203 -9.59 8.64 -20.66
CA GLU C 203 -10.09 7.27 -20.64
C GLU C 203 -9.73 6.53 -21.93
N ALA C 204 -9.76 7.23 -23.08
CA ALA C 204 -9.34 6.61 -24.32
C ALA C 204 -7.86 6.26 -24.30
N HIS C 205 -7.02 7.18 -23.80
CA HIS C 205 -5.60 6.90 -23.71
C HIS C 205 -5.32 5.73 -22.77
N LEU C 206 -6.07 5.67 -21.65
CA LEU C 206 -5.83 4.61 -20.68
C LEU C 206 -6.24 3.25 -21.22
N ARG C 207 -7.26 3.20 -22.08
CA ARG C 207 -7.69 1.92 -22.64
C ARG C 207 -6.64 1.35 -23.59
N LYS C 208 -5.87 2.21 -24.27
CA LYS C 208 -4.77 1.72 -25.10
C LYS C 208 -3.61 1.20 -24.26
N LEU C 209 -3.62 1.43 -22.95
CA LEU C 209 -2.61 0.87 -22.06
C LEU C 209 -3.07 -0.42 -21.40
N GLY C 210 -4.23 -0.95 -21.80
CA GLY C 210 -4.70 -2.23 -21.34
C GLY C 210 -5.54 -2.20 -20.08
N LEU C 211 -5.96 -1.02 -19.62
CA LEU C 211 -6.70 -0.92 -18.37
C LEU C 211 -8.12 -1.46 -18.45
N GLY C 212 -8.64 -1.67 -19.67
CA GLY C 212 -9.98 -2.22 -19.79
C GLY C 212 -11.04 -1.24 -19.31
N TYR C 213 -12.12 -1.81 -18.74
CA TYR C 213 -13.21 -0.98 -18.24
C TYR C 213 -12.77 -0.09 -17.08
N ARG C 214 -11.67 -0.44 -16.42
CA ARG C 214 -11.17 0.39 -15.32
C ARG C 214 -10.74 1.78 -15.80
N ALA C 215 -10.53 1.96 -17.10
CA ALA C 215 -10.16 3.27 -17.62
C ALA C 215 -11.26 4.30 -17.41
N ARG C 216 -12.52 3.86 -17.41
CA ARG C 216 -13.62 4.80 -17.18
C ARG C 216 -13.68 5.22 -15.71
N TYR C 217 -13.49 4.27 -14.79
CA TYR C 217 -13.58 4.58 -13.37
C TYR C 217 -12.51 5.58 -12.95
N VAL C 218 -11.30 5.45 -13.51
CA VAL C 218 -10.23 6.38 -13.19
C VAL C 218 -10.60 7.79 -13.61
N SER C 219 -11.04 7.95 -14.86
CA SER C 219 -11.42 9.27 -15.36
C SER C 219 -12.64 9.81 -14.63
N ALA C 220 -13.62 8.94 -14.34
CA ALA C 220 -14.83 9.39 -13.68
C ALA C 220 -14.55 9.81 -12.24
N SER C 221 -13.80 8.99 -11.50
CA SER C 221 -13.51 9.30 -10.10
C SER C 221 -12.67 10.56 -9.97
N ALA C 222 -11.71 10.75 -10.87
CA ALA C 222 -10.89 11.95 -10.82
C ALA C 222 -11.72 13.20 -11.09
N ARG C 223 -12.72 13.09 -11.96
CA ARG C 223 -13.58 14.25 -12.24
C ARG C 223 -14.61 14.46 -11.16
N ALA C 224 -15.11 13.38 -10.55
CA ALA C 224 -16.09 13.51 -9.47
C ALA C 224 -15.48 14.18 -8.25
N ILE C 225 -14.20 13.92 -7.98
CA ILE C 225 -13.54 14.54 -6.83
C ILE C 225 -13.33 16.03 -7.08
N LEU C 226 -12.83 16.38 -8.27
CA LEU C 226 -12.51 17.78 -8.54
C LEU C 226 -13.76 18.63 -8.73
N GLU C 227 -14.75 18.11 -9.44
CA GLU C 227 -15.87 18.93 -9.89
C GLU C 227 -17.13 18.77 -9.04
N GLU C 228 -17.19 17.80 -8.13
CA GLU C 228 -18.38 17.59 -7.32
C GLU C 228 -18.14 17.45 -5.82
N GLN C 229 -16.93 17.07 -5.38
CA GLN C 229 -16.70 16.73 -3.99
C GLN C 229 -15.86 17.74 -3.22
N GLY C 230 -15.33 18.77 -3.88
CA GLY C 230 -14.53 19.77 -3.22
C GLY C 230 -13.06 19.72 -3.53
N GLY C 231 -12.58 18.65 -4.16
CA GLY C 231 -11.21 18.59 -4.60
C GLY C 231 -10.35 17.67 -3.74
N LEU C 232 -9.04 17.88 -3.85
CA LEU C 232 -8.09 17.03 -3.13
C LEU C 232 -8.29 17.12 -1.62
N ALA C 233 -8.64 18.31 -1.12
CA ALA C 233 -8.81 18.49 0.32
C ALA C 233 -9.94 17.62 0.87
N TRP C 234 -10.94 17.32 0.05
CA TRP C 234 -12.00 16.42 0.48
C TRP C 234 -11.48 15.03 0.77
N LEU C 235 -10.59 14.53 -0.11
CA LEU C 235 -10.05 13.19 0.08
C LEU C 235 -9.09 13.12 1.26
N GLN C 236 -8.19 14.10 1.37
CA GLN C 236 -7.21 14.08 2.45
C GLN C 236 -7.84 14.30 3.81
N GLN C 237 -8.96 15.05 3.87
CA GLN C 237 -9.61 15.29 5.15
C GLN C 237 -10.36 14.07 5.65
N LEU C 238 -10.51 13.02 4.84
CA LEU C 238 -11.04 11.76 5.34
C LEU C 238 -10.10 11.09 6.33
N ARG C 239 -8.86 11.57 6.43
CA ARG C 239 -7.96 11.04 7.45
C ARG C 239 -8.43 11.43 8.85
N GLU C 240 -9.03 12.61 8.99
N GLU C 240 -9.03 12.61 8.99
CA GLU C 240 -9.55 13.05 10.29
CA GLU C 240 -9.55 13.05 10.29
C GLU C 240 -10.86 12.36 10.66
N SER C 241 -11.61 11.88 9.67
CA SER C 241 -12.92 11.29 9.90
C SER C 241 -12.78 9.87 10.45
N SER C 242 -13.91 9.33 10.90
CA SER C 242 -13.97 7.97 11.42
C SER C 242 -13.95 6.96 10.27
N TYR C 243 -13.78 5.68 10.64
CA TYR C 243 -13.76 4.62 9.64
C TYR C 243 -15.10 4.49 8.94
N GLU C 244 -16.20 4.54 9.70
CA GLU C 244 -17.52 4.43 9.09
C GLU C 244 -17.80 5.59 8.15
N GLU C 245 -17.43 6.81 8.55
CA GLU C 245 -17.70 7.98 7.73
C GLU C 245 -16.79 8.04 6.51
N ALA C 246 -15.55 7.54 6.63
CA ALA C 246 -14.66 7.53 5.49
C ALA C 246 -15.04 6.44 4.49
N HIS C 247 -15.49 5.29 4.99
CA HIS C 247 -15.91 4.21 4.10
C HIS C 247 -17.11 4.62 3.27
N LYS C 248 -18.14 5.19 3.92
CA LYS C 248 -19.33 5.61 3.20
C LYS C 248 -19.00 6.72 2.20
N ALA C 249 -18.09 7.63 2.56
CA ALA C 249 -17.73 8.71 1.66
C ALA C 249 -16.98 8.20 0.44
N LEU C 250 -16.16 7.16 0.60
CA LEU C 250 -15.40 6.63 -0.54
C LEU C 250 -16.32 5.91 -1.53
N CYS C 251 -17.35 5.21 -1.03
CA CYS C 251 -18.24 4.47 -1.89
C CYS C 251 -19.06 5.35 -2.82
N ILE C 252 -19.01 6.67 -2.63
CA ILE C 252 -19.68 7.58 -3.55
C ILE C 252 -19.01 7.56 -4.91
N LEU C 253 -17.68 7.41 -4.93
CA LEU C 253 -16.93 7.51 -6.17
C LEU C 253 -17.24 6.34 -7.10
N PRO C 254 -17.23 6.58 -8.42
CA PRO C 254 -17.51 5.49 -9.37
C PRO C 254 -16.35 4.51 -9.44
N GLY C 255 -16.68 3.22 -9.37
CA GLY C 255 -15.68 2.18 -9.35
C GLY C 255 -15.18 1.80 -7.97
N VAL C 256 -15.58 2.52 -6.94
CA VAL C 256 -15.15 2.25 -5.57
C VAL C 256 -16.29 1.55 -4.85
N GLY C 257 -16.08 0.28 -4.48
CA GLY C 257 -17.03 -0.49 -3.72
C GLY C 257 -16.55 -0.72 -2.30
N THR C 258 -17.21 -1.68 -1.63
CA THR C 258 -16.87 -1.98 -0.25
C THR C 258 -15.44 -2.49 -0.12
N LYS C 259 -15.03 -3.38 -1.02
CA LYS C 259 -13.68 -3.95 -0.93
C LYS C 259 -12.62 -2.90 -1.19
N VAL C 260 -12.82 -2.05 -2.20
CA VAL C 260 -11.83 -1.04 -2.54
C VAL C 260 -11.77 0.03 -1.46
N ALA C 261 -12.93 0.44 -0.94
CA ALA C 261 -12.95 1.46 0.10
C ALA C 261 -12.25 0.99 1.36
N ASP C 262 -12.32 -0.31 1.66
CA ASP C 262 -11.63 -0.83 2.84
C ASP C 262 -10.12 -0.81 2.64
N CYS C 263 -9.65 -1.11 1.43
CA CYS C 263 -8.21 -1.09 1.16
C CYS C 263 -7.65 0.30 1.34
N ILE C 264 -8.35 1.32 0.82
CA ILE C 264 -7.85 2.69 0.93
C ILE C 264 -7.90 3.17 2.36
N CYS C 265 -8.97 2.84 3.09
CA CYS C 265 -9.06 3.20 4.50
C CYS C 265 -7.90 2.61 5.27
N LEU C 266 -7.62 1.32 5.06
CA LEU C 266 -6.58 0.62 5.81
C LEU C 266 -5.19 1.11 5.44
N MET C 267 -4.98 1.49 4.19
CA MET C 267 -3.64 1.77 3.68
C MET C 267 -3.34 3.25 3.47
N ALA C 268 -4.35 4.13 3.54
CA ALA C 268 -4.12 5.55 3.28
C ALA C 268 -4.82 6.50 4.23
N LEU C 269 -5.90 6.11 4.91
CA LEU C 269 -6.63 7.01 5.79
C LEU C 269 -6.44 6.68 7.27
N ASP C 270 -5.40 5.92 7.62
CA ASP C 270 -5.07 5.62 9.02
C ASP C 270 -6.25 4.96 9.75
N LYS C 271 -6.82 3.93 9.14
CA LYS C 271 -7.88 3.13 9.74
C LYS C 271 -7.36 1.71 9.89
N PRO C 272 -6.61 1.42 10.95
CA PRO C 272 -5.99 0.09 11.10
C PRO C 272 -7.00 -1.02 11.34
N GLN C 273 -8.25 -0.70 11.67
CA GLN C 273 -9.27 -1.71 11.95
C GLN C 273 -10.02 -2.15 10.70
N ALA C 274 -9.73 -1.56 9.55
CA ALA C 274 -10.42 -1.93 8.32
C ALA C 274 -9.95 -3.30 7.85
N VAL C 275 -10.89 -4.18 7.55
CA VAL C 275 -10.62 -5.53 7.09
C VAL C 275 -11.30 -5.73 5.75
N PRO C 276 -10.55 -5.61 4.65
CA PRO C 276 -11.13 -5.89 3.32
C PRO C 276 -11.43 -7.37 3.18
N VAL C 277 -12.69 -7.68 2.91
CA VAL C 277 -13.17 -9.07 2.86
C VAL C 277 -13.25 -9.51 1.41
N ASP C 278 -12.71 -10.69 1.13
CA ASP C 278 -12.79 -11.30 -0.20
C ASP C 278 -12.82 -12.82 -0.02
N VAL C 279 -12.68 -13.54 -1.14
CA VAL C 279 -12.71 -14.99 -1.08
C VAL C 279 -11.50 -15.54 -0.32
N HIS C 280 -10.36 -14.85 -0.38
CA HIS C 280 -9.20 -15.27 0.39
C HIS C 280 -9.48 -15.23 1.89
N MET C 281 -10.20 -14.19 2.34
CA MET C 281 -10.55 -14.10 3.76
C MET C 281 -11.55 -15.19 4.15
N TRP C 282 -12.39 -15.63 3.22
CA TRP C 282 -13.36 -16.68 3.53
C TRP C 282 -12.67 -18.02 3.73
N HIS C 283 -11.70 -18.36 2.87
N HIS C 283 -11.70 -18.36 2.88
CA HIS C 283 -11.01 -19.63 3.01
CA HIS C 283 -11.00 -19.63 3.01
C HIS C 283 -10.21 -19.69 4.31
C HIS C 283 -10.20 -19.69 4.31
N ILE C 284 -9.70 -18.56 4.78
CA ILE C 284 -8.96 -18.52 6.03
C ILE C 284 -9.92 -18.64 7.22
N ALA C 285 -11.09 -17.99 7.12
CA ALA C 285 -12.05 -18.04 8.22
C ALA C 285 -12.64 -19.42 8.39
N GLN C 286 -12.84 -20.16 7.30
CA GLN C 286 -13.47 -21.47 7.40
C GLN C 286 -12.48 -22.55 7.79
N ARG C 287 -11.25 -22.48 7.29
CA ARG C 287 -10.27 -23.53 7.55
C ARG C 287 -9.65 -23.37 8.94
N ASP C 288 -9.10 -22.19 9.23
CA ASP C 288 -8.36 -21.96 10.47
C ASP C 288 -9.25 -21.53 11.63
N TYR C 289 -10.53 -21.25 11.39
CA TYR C 289 -11.40 -20.77 12.45
C TYR C 289 -12.79 -21.40 12.45
N SER C 290 -13.11 -22.26 11.47
CA SER C 290 -14.43 -22.90 11.38
C SER C 290 -15.56 -21.87 11.41
N TRP C 291 -15.30 -20.68 10.88
CA TRP C 291 -16.29 -19.61 10.90
C TRP C 291 -17.42 -19.93 9.92
N HIS C 292 -18.62 -19.45 10.24
CA HIS C 292 -19.79 -19.62 9.41
C HIS C 292 -20.75 -18.47 9.71
N PRO C 293 -21.50 -18.00 8.70
CA PRO C 293 -22.39 -16.86 8.94
C PRO C 293 -23.56 -17.23 9.83
N THR C 294 -23.91 -16.32 10.73
CA THR C 294 -25.04 -16.49 11.63
C THR C 294 -26.10 -15.41 11.49
N THR C 295 -25.73 -14.20 11.07
CA THR C 295 -26.69 -13.12 10.87
C THR C 295 -27.28 -13.08 9.47
N SER C 296 -27.06 -14.14 8.68
CA SER C 296 -27.60 -14.20 7.33
C SER C 296 -27.75 -15.66 6.93
N GLN C 297 -28.89 -15.98 6.31
CA GLN C 297 -29.12 -17.34 5.83
C GLN C 297 -28.20 -17.71 4.67
N ALA C 298 -27.66 -16.72 3.96
CA ALA C 298 -26.75 -17.00 2.86
C ALA C 298 -25.45 -17.60 3.38
N LYS C 299 -25.08 -18.75 2.84
CA LYS C 299 -23.89 -19.48 3.27
C LYS C 299 -22.64 -19.09 2.50
N GLY C 300 -22.74 -18.20 1.51
CA GLY C 300 -21.60 -17.80 0.73
C GLY C 300 -21.32 -16.31 0.83
N PRO C 301 -20.29 -15.84 0.12
CA PRO C 301 -19.96 -14.42 0.14
C PRO C 301 -21.12 -13.57 -0.37
N SER C 302 -21.47 -12.55 0.40
CA SER C 302 -22.60 -11.68 0.11
C SER C 302 -22.42 -10.39 0.90
N PRO C 303 -23.10 -9.30 0.51
CA PRO C 303 -22.93 -8.05 1.26
C PRO C 303 -23.22 -8.17 2.74
N GLN C 304 -24.28 -8.89 3.13
CA GLN C 304 -24.58 -9.07 4.54
C GLN C 304 -23.54 -9.94 5.21
N THR C 305 -23.10 -11.01 4.54
CA THR C 305 -22.14 -11.93 5.15
C THR C 305 -20.72 -11.36 5.15
N ASN C 306 -20.34 -10.57 4.14
CA ASN C 306 -19.01 -9.99 4.11
C ASN C 306 -18.83 -8.96 5.22
N LYS C 307 -19.88 -8.20 5.54
CA LYS C 307 -19.81 -7.27 6.66
C LYS C 307 -19.76 -8.02 7.99
N GLU C 308 -20.41 -9.18 8.08
CA GLU C 308 -20.33 -9.98 9.28
C GLU C 308 -18.94 -10.58 9.47
N LEU C 309 -18.28 -10.94 8.37
CA LEU C 309 -16.93 -11.50 8.47
C LEU C 309 -15.93 -10.45 8.93
N GLY C 310 -16.05 -9.23 8.40
CA GLY C 310 -15.16 -8.16 8.84
C GLY C 310 -15.30 -7.86 10.32
N ASN C 311 -16.54 -7.91 10.83
CA ASN C 311 -16.77 -7.66 12.25
C ASN C 311 -16.18 -8.78 13.10
N PHE C 312 -16.24 -10.02 12.61
CA PHE C 312 -15.73 -11.15 13.38
C PHE C 312 -14.23 -11.01 13.64
N PHE C 313 -13.47 -10.60 12.63
CA PHE C 313 -12.03 -10.43 12.82
C PHE C 313 -11.70 -9.15 13.57
N ARG C 314 -12.57 -8.15 13.50
CA ARG C 314 -12.37 -6.95 14.31
C ARG C 314 -12.64 -7.25 15.79
N SER C 315 -13.66 -8.07 16.06
CA SER C 315 -13.94 -8.47 17.43
C SER C 315 -12.92 -9.46 17.97
N LEU C 316 -12.19 -10.14 17.09
CA LEU C 316 -11.24 -11.16 17.52
C LEU C 316 -9.80 -10.64 17.59
N TRP C 317 -9.41 -9.72 16.71
CA TRP C 317 -8.06 -9.18 16.72
C TRP C 317 -7.94 -7.82 17.37
N GLY C 318 -9.00 -7.01 17.35
CA GLY C 318 -8.97 -5.71 17.97
C GLY C 318 -8.87 -4.57 16.96
N PRO C 319 -8.52 -3.38 17.44
CA PRO C 319 -8.51 -2.20 16.57
C PRO C 319 -7.44 -2.23 15.48
N TYR C 320 -6.54 -3.21 15.49
CA TYR C 320 -5.52 -3.35 14.46
C TYR C 320 -5.74 -4.61 13.62
N ALA C 321 -7.00 -5.01 13.45
CA ALA C 321 -7.30 -6.25 12.74
C ALA C 321 -6.78 -6.22 11.31
N GLY C 322 -6.75 -5.05 10.68
CA GLY C 322 -6.23 -4.96 9.33
C GLY C 322 -4.75 -5.31 9.25
N TRP C 323 -3.97 -4.87 10.23
CA TRP C 323 -2.56 -5.23 10.26
C TRP C 323 -2.40 -6.73 10.49
N ALA C 324 -3.29 -7.33 11.29
CA ALA C 324 -3.18 -8.76 11.58
C ALA C 324 -3.48 -9.59 10.34
N GLN C 325 -4.48 -9.16 9.55
CA GLN C 325 -4.80 -9.89 8.33
C GLN C 325 -3.64 -9.85 7.34
N ALA C 326 -2.89 -8.74 7.33
CA ALA C 326 -1.72 -8.67 6.46
C ALA C 326 -0.69 -9.73 6.80
N VAL C 327 -0.57 -10.08 8.09
CA VAL C 327 0.37 -11.11 8.50
C VAL C 327 -0.13 -12.48 8.06
N LEU C 328 -1.42 -12.74 8.21
CA LEU C 328 -1.97 -14.03 7.79
C LEU C 328 -1.92 -14.20 6.28
N PHE C 329 -2.09 -13.10 5.53
CA PHE C 329 -2.00 -13.19 4.07
C PHE C 329 -0.59 -13.57 3.62
N SER C 330 0.42 -12.99 4.25
CA SER C 330 1.80 -13.31 3.89
C SER C 330 2.16 -14.75 4.24
N ALA C 331 1.51 -15.31 5.27
CA ALA C 331 1.79 -16.69 5.66
C ALA C 331 1.08 -17.69 4.76
N ASP C 332 -0.03 -17.30 4.14
CA ASP C 332 -0.75 -18.22 3.26
C ASP C 332 -0.02 -18.38 1.93
N LEU C 333 0.57 -17.31 1.42
CA LEU C 333 1.29 -17.37 0.15
C LEU C 333 2.79 -17.58 0.39
CA CA D . -10.77 -16.15 -9.10
CA CA E . -19.31 3.72 -5.78
C1 GOL F . 2.94 7.57 -1.41
O1 GOL F . 2.70 6.29 -1.91
C2 GOL F . 4.48 7.71 -1.25
O2 GOL F . 5.11 8.00 -2.46
C3 GOL F . 4.66 8.84 -0.21
O3 GOL F . 6.02 8.90 0.09
C1 GOL G . 16.90 -2.80 -15.27
O1 GOL G . 15.64 -3.09 -14.76
C2 GOL G . 17.91 -2.99 -14.12
O2 GOL G . 18.80 -4.04 -14.37
C3 GOL G . 18.64 -1.63 -14.01
O3 GOL G . 19.47 -1.71 -12.89
CA CA H . 2.72 15.10 -3.71
CA CA I . 7.43 5.14 -13.20
CA CA J . -5.95 -11.06 -1.35
CA CA K . -7.21 -24.43 14.32
CA CA L . -17.86 -0.93 7.41
CA CA M . -21.24 0.36 0.86
CA CA N . 20.69 7.78 15.46
#